data_4B9V
#
_entry.id   4B9V
#
_cell.length_a   87.901
_cell.length_b   94.035
_cell.length_c   105.341
_cell.angle_alpha   90.00
_cell.angle_beta   90.00
_cell.angle_gamma   90.00
#
_symmetry.space_group_name_H-M   'P 21 21 21'
#
loop_
_entity.id
_entity.type
_entity.pdbx_description
1 polymer 'DNA POLYMERASE'
2 polymer "5'-D(*CP*CP*TP*GP*AP*CP*TP*CP*TP*AP*AP)-3'"
3 polymer "5'-D(*CP*AP*TP*FOXP*AP*GP*AP*GP*TP*CP*AP*GP*GP*CP*TP)-3'"
4 non-polymer 'SULFATE ION'
5 non-polymer 'MAGNESIUM ION'
6 water water
#
loop_
_entity_poly.entity_id
_entity_poly.type
_entity_poly.pdbx_seq_one_letter_code
_entity_poly.pdbx_strand_id
1 'polypeptide(L)'
;MASWSHPQFEKGASTSLYKKAGSAAAVLEENLYFQGSFTAKMAFTLADRVTEEMLADKAALVVEVVEENYHDAPIVGIAV
VNEHGRFFLRPETALADPQFVAWLGDETKKKSMFDSKRAAVALKWKGIELCGVSFDLLLAAYLLDPAQGVDDVAAAAKMK
QYEAVRPDEAVYGKGAKRAVPDEPVLAEHLVRKAAAIWALERPFLDELRRNEQDRLLVELEQPLSSILAEMEFAGVKVDT
KRLEQMGEELAEQLRTVEQRIYELAGQEFNINSPKQLGVILFEKLQLPVLKKSKTGYSTSADVLEKLAPYHEIVENILHY
RQLGKLQSTYIEGLLKVVRPDTKKVHTIFNQALTQTGRLSSTEPNLQNIPIRLEEGRKIRQAFVPSESDWLIFAADYSQI
ELRVLAHIAEDDNLMEAFRRDLDIHTKTAMDIFQVSEDEVTPNMRRQAKAVNFGIVYGISDYGLAQNLNISRKEAAEFIE
RYFESFPGVKRYMENIVQEAKQKGYVTTLLHRRRYLPDITSRNFNVRSFAERMAMNTPIQGSAADIIKKAMIDLNARLKE
ERLQARLLLQVHDELILEAPKEEMERLCRLVPEVMEQAVTLRVPLKVDYHYGSTWYDAK
;
A
2 'polydeoxyribonucleotide' (DC)(DC)(DT)(DG)(DA)(DC)(DT)(DC)(DT)(DA)(DA) B
3 'polydeoxyribonucleotide' (DC)(DA)(DT)(FOX)(DA)(DG)(DA)(DG)(DT)(DC)(DA)(DG)(DG)(DC)(DT) C
#
loop_
_chem_comp.id
_chem_comp.type
_chem_comp.name
_chem_comp.formula
DA DNA linking 2'-DEOXYADENOSINE-5'-MONOPHOSPHATE 'C10 H14 N5 O6 P'
DC DNA linking 2'-DEOXYCYTIDINE-5'-MONOPHOSPHATE 'C9 H14 N3 O7 P'
DG DNA linking 2'-DEOXYGUANOSINE-5'-MONOPHOSPHATE 'C10 H14 N5 O7 P'
DT DNA linking THYMIDINE-5'-MONOPHOSPHATE 'C10 H15 N2 O8 P'
FOX DNA linking '((1R,2S,4R)-4-{[2-AMINO-5-(FORMYLAMINO)-6-OXO-3,6-DIHYDROPYRIMIDIN-4-YL]AMINO}-2-HYDROXYCYCLOPENTYL)METHYL 5'-PHOSPHATE' 'C11 H18 N5 O7 P'
MG non-polymer 'MAGNESIUM ION' 'Mg 2'
SO4 non-polymer 'SULFATE ION' 'O4 S -2'
#
# COMPACT_ATOMS: atom_id res chain seq x y z
N LYS A 41 33.19 -16.54 14.59
CA LYS A 41 33.54 -16.47 13.14
C LYS A 41 33.04 -17.73 12.40
N MET A 42 31.86 -17.65 11.79
CA MET A 42 31.14 -18.83 11.23
C MET A 42 31.89 -19.42 10.04
N ALA A 43 31.99 -20.75 10.00
CA ALA A 43 32.71 -21.41 8.92
C ALA A 43 32.02 -21.30 7.56
N PHE A 44 32.79 -20.90 6.55
CA PHE A 44 32.25 -20.94 5.19
C PHE A 44 33.39 -20.96 4.20
N THR A 45 33.07 -21.23 2.94
CA THR A 45 34.09 -21.23 1.90
C THR A 45 33.92 -20.00 1.03
N LEU A 46 34.98 -19.20 0.93
CA LEU A 46 34.98 -18.04 0.06
C LEU A 46 35.38 -18.49 -1.33
N ALA A 47 34.44 -19.11 -2.03
CA ALA A 47 34.71 -19.67 -3.34
C ALA A 47 35.03 -18.62 -4.39
N ASP A 48 35.99 -18.94 -5.25
CA ASP A 48 36.29 -18.12 -6.43
C ASP A 48 35.88 -18.79 -7.74
N ARG A 49 35.25 -19.97 -7.66
CA ARG A 49 34.48 -20.55 -8.77
C ARG A 49 33.27 -21.33 -8.24
N VAL A 50 32.24 -21.49 -9.08
CA VAL A 50 31.07 -22.30 -8.75
C VAL A 50 31.36 -23.80 -8.88
N THR A 51 30.89 -24.59 -7.92
CA THR A 51 31.05 -26.04 -7.90
C THR A 51 29.68 -26.72 -7.79
N GLU A 52 29.64 -27.99 -8.17
CA GLU A 52 28.40 -28.73 -8.21
C GLU A 52 27.69 -28.75 -6.85
N GLU A 53 28.45 -28.79 -5.76
CA GLU A 53 27.81 -28.89 -4.43
C GLU A 53 27.10 -27.61 -4.00
N MET A 54 27.39 -26.51 -4.66
CA MET A 54 26.65 -25.27 -4.44
C MET A 54 25.27 -25.24 -5.12
N LEU A 55 24.99 -26.21 -5.96
CA LEU A 55 23.77 -26.25 -6.75
C LEU A 55 22.83 -27.39 -6.35
N ALA A 56 22.73 -27.67 -5.04
CA ALA A 56 21.83 -28.71 -4.48
C ALA A 56 20.40 -28.30 -4.69
N ASP A 57 19.45 -29.21 -4.58
CA ASP A 57 18.09 -28.87 -4.92
C ASP A 57 17.30 -28.22 -3.77
N LYS A 58 18.00 -27.93 -2.69
CA LYS A 58 17.40 -27.16 -1.57
C LYS A 58 18.46 -26.29 -0.95
N ALA A 59 18.20 -24.99 -0.87
CA ALA A 59 19.22 -24.09 -0.32
C ALA A 59 18.59 -22.84 0.28
N ALA A 60 19.33 -22.23 1.20
CA ALA A 60 19.06 -20.86 1.61
C ALA A 60 19.99 -19.98 0.79
N LEU A 61 19.40 -18.99 0.13
CA LEU A 61 20.08 -18.14 -0.79
C LEU A 61 19.94 -16.64 -0.40
N VAL A 62 21.05 -15.92 -0.43
CA VAL A 62 21.11 -14.51 -0.20
C VAL A 62 21.70 -13.88 -1.47
N VAL A 63 20.95 -12.99 -2.09
CA VAL A 63 21.40 -12.24 -3.27
C VAL A 63 21.29 -10.79 -2.83
N GLU A 64 22.40 -10.20 -2.42
CA GLU A 64 22.33 -8.98 -1.58
C GLU A 64 22.37 -7.72 -2.41
N VAL A 65 21.31 -6.93 -2.26
CA VAL A 65 21.18 -5.62 -2.87
C VAL A 65 21.01 -4.61 -1.75
N VAL A 66 22.04 -3.79 -1.51
CA VAL A 66 22.09 -2.94 -0.36
C VAL A 66 21.36 -1.63 -0.60
N GLU A 67 21.38 -1.14 -1.84
CA GLU A 67 20.65 0.11 -2.18
C GLU A 67 19.17 -0.07 -1.86
N GLU A 68 18.56 0.92 -1.23
CA GLU A 68 17.19 0.83 -0.77
C GLU A 68 16.24 0.60 -1.95
N ASN A 69 16.43 1.38 -3.02
CA ASN A 69 15.69 1.18 -4.28
C ASN A 69 16.47 0.18 -5.12
N TYR A 70 15.94 -1.02 -5.27
CA TYR A 70 16.66 -2.06 -5.93
C TYR A 70 16.57 -2.12 -7.48
N HIS A 71 15.88 -1.17 -8.10
CA HIS A 71 15.84 -1.20 -9.55
C HIS A 71 17.20 -0.89 -10.12
N ASP A 72 17.64 -1.75 -11.02
CA ASP A 72 18.93 -1.59 -11.74
C ASP A 72 20.09 -1.38 -10.80
N ALA A 73 19.98 -1.94 -9.58
CA ALA A 73 20.94 -1.73 -8.51
C ALA A 73 21.95 -2.84 -8.49
N PRO A 74 23.12 -2.59 -7.90
CA PRO A 74 24.17 -3.61 -7.82
C PRO A 74 23.83 -4.76 -6.87
N ILE A 75 24.24 -6.00 -7.23
CA ILE A 75 24.24 -7.13 -6.30
C ILE A 75 25.66 -7.20 -5.73
N VAL A 76 25.81 -7.09 -4.40
CA VAL A 76 27.13 -6.95 -3.85
C VAL A 76 27.75 -8.24 -3.44
N GLY A 77 27.00 -9.32 -3.38
CA GLY A 77 27.53 -10.59 -2.90
C GLY A 77 26.41 -11.60 -2.85
N ILE A 78 26.78 -12.86 -2.86
CA ILE A 78 25.87 -13.97 -2.88
C ILE A 78 26.32 -14.99 -1.83
N ALA A 79 25.39 -15.51 -1.07
CA ALA A 79 25.67 -16.62 -0.18
C ALA A 79 24.65 -17.73 -0.38
N VAL A 80 25.15 -18.96 -0.32
CA VAL A 80 24.36 -20.15 -0.39
C VAL A 80 24.66 -21.02 0.81
N VAL A 81 23.61 -21.51 1.49
CA VAL A 81 23.79 -22.49 2.55
C VAL A 81 22.94 -23.70 2.19
N ASN A 82 23.56 -24.87 2.18
CA ASN A 82 22.80 -26.05 1.87
C ASN A 82 23.36 -27.24 2.65
N GLU A 83 22.95 -28.45 2.30
CA GLU A 83 23.34 -29.65 3.03
C GLU A 83 24.84 -29.89 2.96
N HIS A 84 25.52 -29.35 1.95
CA HIS A 84 26.96 -29.55 1.77
C HIS A 84 27.83 -28.51 2.40
N GLY A 85 27.29 -27.38 2.80
CA GLY A 85 28.08 -26.37 3.49
C GLY A 85 27.58 -24.97 3.31
N ARG A 86 28.47 -24.02 3.55
CA ARG A 86 28.16 -22.63 3.45
C ARG A 86 29.15 -22.02 2.49
N PHE A 87 28.64 -21.16 1.60
CA PHE A 87 29.43 -20.63 0.51
C PHE A 87 29.17 -19.15 0.31
N PHE A 88 30.23 -18.40 0.07
CA PHE A 88 30.11 -17.05 -0.42
C PHE A 88 30.67 -16.99 -1.84
N LEU A 89 29.91 -16.36 -2.74
CA LEU A 89 30.34 -16.13 -4.12
C LEU A 89 30.28 -14.67 -4.46
N ARG A 90 31.29 -14.24 -5.18
CA ARG A 90 31.35 -12.91 -5.75
C ARG A 90 30.39 -12.90 -6.93
N PRO A 91 29.57 -11.85 -7.05
CA PRO A 91 28.54 -11.79 -8.09
C PRO A 91 29.08 -11.76 -9.50
N GLU A 92 30.20 -11.09 -9.73
CA GLU A 92 30.76 -11.14 -11.08
C GLU A 92 31.19 -12.57 -11.48
N THR A 93 31.43 -13.43 -10.50
CA THR A 93 31.77 -14.82 -10.77
C THR A 93 30.48 -15.61 -10.99
N ALA A 94 29.62 -15.59 -9.97
CA ALA A 94 28.41 -16.39 -9.97
C ALA A 94 27.48 -16.04 -11.13
N LEU A 95 27.27 -14.76 -11.39
CA LEU A 95 26.25 -14.36 -12.37
C LEU A 95 26.69 -14.48 -13.82
N ALA A 96 27.98 -14.74 -14.07
CA ALA A 96 28.51 -15.04 -15.41
C ALA A 96 28.69 -16.54 -15.59
N ASP A 97 28.35 -17.34 -14.59
CA ASP A 97 28.57 -18.78 -14.66
C ASP A 97 27.27 -19.40 -15.15
N PRO A 98 27.33 -20.16 -16.27
CA PRO A 98 26.08 -20.71 -16.81
C PRO A 98 25.34 -21.69 -15.91
N GLN A 99 26.07 -22.53 -15.19
CA GLN A 99 25.43 -23.52 -14.33
C GLN A 99 24.74 -22.82 -13.13
N PHE A 100 25.37 -21.75 -12.61
CA PHE A 100 24.75 -21.01 -11.50
C PHE A 100 23.49 -20.30 -11.95
N VAL A 101 23.55 -19.66 -13.13
CA VAL A 101 22.37 -18.99 -13.64
C VAL A 101 21.27 -19.99 -13.95
N ALA A 102 21.59 -21.15 -14.54
CA ALA A 102 20.58 -22.18 -14.79
C ALA A 102 19.97 -22.63 -13.45
N TRP A 103 20.80 -22.78 -12.44
CA TRP A 103 20.31 -23.14 -11.11
C TRP A 103 19.35 -22.11 -10.56
N LEU A 104 19.66 -20.84 -10.71
CA LEU A 104 18.78 -19.81 -10.19
C LEU A 104 17.40 -19.86 -10.86
N GLY A 105 17.39 -20.15 -12.16
CA GLY A 105 16.16 -20.21 -12.95
C GLY A 105 15.42 -21.54 -12.98
N ASP A 106 15.95 -22.55 -12.28
CA ASP A 106 15.31 -23.88 -12.24
C ASP A 106 14.31 -23.95 -11.09
N GLU A 107 13.04 -24.00 -11.46
CA GLU A 107 11.95 -24.06 -10.49
C GLU A 107 12.05 -25.31 -9.59
N THR A 108 12.70 -26.36 -10.05
CA THR A 108 12.77 -27.56 -9.24
C THR A 108 13.89 -27.51 -8.19
N LYS A 109 14.73 -26.48 -8.24
CA LYS A 109 15.78 -26.24 -7.25
C LYS A 109 15.25 -25.22 -6.28
N LYS A 110 14.93 -25.66 -5.05
CA LYS A 110 14.17 -24.84 -4.14
C LYS A 110 15.06 -23.92 -3.30
N LYS A 111 14.68 -22.67 -3.20
CA LYS A 111 15.41 -21.71 -2.43
C LYS A 111 14.57 -21.13 -1.30
N SER A 112 15.22 -20.90 -0.17
CA SER A 112 14.63 -20.14 0.92
C SER A 112 15.40 -18.81 1.00
N MET A 113 14.67 -17.72 1.07
CA MET A 113 15.23 -16.37 1.05
C MET A 113 14.55 -15.45 2.00
N PHE A 114 15.10 -14.24 2.10
CA PHE A 114 14.44 -13.12 2.76
C PHE A 114 14.27 -11.98 1.77
N ASP A 115 13.05 -11.57 1.53
CA ASP A 115 12.76 -10.47 0.58
C ASP A 115 13.18 -10.87 -0.81
N SER A 116 12.58 -11.94 -1.28
CA SER A 116 12.95 -12.50 -2.56
C SER A 116 12.55 -11.57 -3.75
N LYS A 117 11.54 -10.72 -3.59
CA LYS A 117 11.23 -9.74 -4.65
C LYS A 117 12.37 -8.80 -4.95
N ARG A 118 13.07 -8.35 -3.93
CA ARG A 118 14.23 -7.47 -4.11
C ARG A 118 15.28 -8.15 -5.00
N ALA A 119 15.60 -9.41 -4.66
CA ALA A 119 16.58 -10.14 -5.42
C ALA A 119 16.04 -10.43 -6.81
N ALA A 120 14.77 -10.84 -6.92
CA ALA A 120 14.20 -11.15 -8.24
C ALA A 120 14.25 -9.96 -9.20
N VAL A 121 13.89 -8.79 -8.70
CA VAL A 121 13.89 -7.59 -9.53
C VAL A 121 15.31 -7.17 -9.92
N ALA A 122 16.25 -7.18 -8.97
CA ALA A 122 17.61 -6.81 -9.31
C ALA A 122 18.18 -7.75 -10.37
N LEU A 123 17.82 -9.01 -10.29
CA LEU A 123 18.22 -9.99 -11.25
C LEU A 123 17.52 -9.79 -12.62
N LYS A 124 16.23 -9.41 -12.61
CA LYS A 124 15.51 -9.09 -13.80
C LYS A 124 16.26 -8.02 -14.60
N TRP A 125 16.75 -6.99 -13.91
CA TRP A 125 17.49 -5.95 -14.58
C TRP A 125 18.79 -6.43 -15.18
N LYS A 126 19.31 -7.57 -14.76
CA LYS A 126 20.50 -8.16 -15.36
C LYS A 126 20.15 -9.28 -16.34
N GLY A 127 18.88 -9.50 -16.64
CA GLY A 127 18.49 -10.51 -17.61
C GLY A 127 18.51 -11.94 -17.08
N ILE A 128 18.34 -12.12 -15.76
CA ILE A 128 18.46 -13.40 -15.10
C ILE A 128 17.15 -13.67 -14.35
N GLU A 129 16.57 -14.85 -14.57
CA GLU A 129 15.33 -15.23 -13.89
C GLU A 129 15.61 -16.01 -12.59
N LEU A 130 14.92 -15.63 -11.54
CA LEU A 130 15.00 -16.32 -10.27
C LEU A 130 13.71 -17.09 -10.11
N CYS A 131 13.80 -18.42 -10.00
CA CYS A 131 12.64 -19.28 -9.80
C CYS A 131 12.90 -20.22 -8.62
N GLY A 132 11.85 -20.95 -8.24
CA GLY A 132 11.96 -21.96 -7.22
C GLY A 132 12.03 -21.44 -5.78
N VAL A 133 11.66 -20.20 -5.53
CA VAL A 133 11.69 -19.67 -4.16
C VAL A 133 10.47 -20.22 -3.41
N SER A 134 10.67 -21.18 -2.51
CA SER A 134 9.53 -21.86 -1.91
C SER A 134 9.30 -21.31 -0.52
N PHE A 135 10.21 -20.48 0.02
CA PHE A 135 9.98 -19.90 1.35
C PHE A 135 10.65 -18.53 1.43
N ASP A 136 9.84 -17.53 1.75
CA ASP A 136 10.32 -16.17 1.96
C ASP A 136 10.08 -15.78 3.43
N LEU A 137 11.18 -15.63 4.15
CA LEU A 137 11.19 -15.37 5.59
C LEU A 137 10.61 -14.02 5.93
N LEU A 138 10.78 -13.03 5.07
CA LEU A 138 10.14 -11.74 5.26
C LEU A 138 8.63 -11.82 5.29
N LEU A 139 8.05 -12.51 4.32
CA LEU A 139 6.62 -12.65 4.25
C LEU A 139 6.09 -13.56 5.34
N ALA A 140 6.87 -14.58 5.70
CA ALA A 140 6.49 -15.45 6.83
C ALA A 140 6.39 -14.65 8.11
N ALA A 141 7.41 -13.86 8.43
CA ALA A 141 7.43 -13.07 9.65
C ALA A 141 6.32 -12.05 9.64
N TYR A 142 6.11 -11.41 8.49
CA TYR A 142 4.99 -10.46 8.35
C TYR A 142 3.63 -11.05 8.65
N LEU A 143 3.39 -12.27 8.16
CA LEU A 143 2.12 -12.93 8.44
C LEU A 143 1.93 -13.33 9.90
N LEU A 144 3.01 -13.78 10.52
CA LEU A 144 3.00 -14.16 11.92
C LEU A 144 2.74 -12.99 12.87
N ASP A 145 3.26 -11.80 12.57
CA ASP A 145 2.92 -10.60 13.35
C ASP A 145 3.38 -9.33 12.64
N PRO A 146 2.47 -8.69 11.90
CA PRO A 146 2.82 -7.50 11.17
C PRO A 146 3.23 -6.35 12.07
N ALA A 147 2.80 -6.34 13.30
CA ALA A 147 3.18 -5.23 14.21
C ALA A 147 4.69 -5.25 14.64
N GLN A 148 5.38 -6.37 14.40
CA GLN A 148 6.80 -6.49 14.76
C GLN A 148 7.70 -5.60 13.92
N GLY A 149 7.30 -5.23 12.71
CA GLY A 149 8.13 -4.34 11.93
C GLY A 149 9.38 -5.04 11.37
N VAL A 150 9.27 -6.33 11.06
CA VAL A 150 10.43 -7.09 10.63
C VAL A 150 10.85 -6.58 9.26
N ASP A 151 12.07 -6.09 9.18
CA ASP A 151 12.62 -5.60 7.95
C ASP A 151 14.04 -6.05 7.70
N ASP A 152 14.58 -6.91 8.55
CA ASP A 152 15.78 -7.58 8.17
C ASP A 152 15.77 -8.97 8.81
N VAL A 153 16.68 -9.80 8.34
CA VAL A 153 16.77 -11.17 8.82
C VAL A 153 16.92 -11.24 10.35
N ALA A 154 17.76 -10.39 10.91
CA ALA A 154 18.00 -10.38 12.34
C ALA A 154 16.72 -10.13 13.15
N ALA A 155 15.89 -9.17 12.72
CA ALA A 155 14.60 -8.93 13.36
C ALA A 155 13.69 -10.19 13.29
N ALA A 156 13.64 -10.87 12.14
CA ALA A 156 12.90 -12.14 12.06
C ALA A 156 13.46 -13.21 12.97
N ALA A 157 14.76 -13.36 12.96
CA ALA A 157 15.45 -14.34 13.74
C ALA A 157 15.23 -14.13 15.25
N LYS A 158 15.16 -12.88 15.69
CA LYS A 158 14.92 -12.60 17.11
C LYS A 158 13.54 -13.12 17.61
N MET A 159 12.57 -13.21 16.71
CA MET A 159 11.27 -13.76 17.06
C MET A 159 11.34 -15.23 17.53
N LYS A 160 12.36 -15.96 17.13
CA LYS A 160 12.58 -17.32 17.59
C LYS A 160 13.88 -17.44 18.38
N GLN A 161 14.29 -16.41 19.09
CA GLN A 161 15.44 -16.44 19.99
C GLN A 161 16.76 -16.88 19.30
N TYR A 162 16.90 -16.53 18.03
CA TYR A 162 18.09 -16.75 17.20
C TYR A 162 18.73 -15.39 17.02
N GLU A 163 19.93 -15.26 17.57
CA GLU A 163 20.65 -14.02 17.56
C GLU A 163 22.07 -14.12 16.94
N ALA A 164 22.37 -15.17 16.19
CA ALA A 164 23.74 -15.34 15.60
C ALA A 164 23.85 -14.70 14.21
N VAL A 165 23.28 -13.50 14.09
CA VAL A 165 23.18 -12.73 12.83
C VAL A 165 23.05 -11.25 13.23
N ARG A 166 23.78 -10.36 12.58
CA ARG A 166 23.72 -8.98 12.90
C ARG A 166 22.60 -8.27 12.11
N PRO A 167 22.05 -7.21 12.70
CA PRO A 167 21.17 -6.35 11.92
C PRO A 167 21.93 -5.72 10.76
N ASP A 168 21.28 -5.64 9.61
CA ASP A 168 21.81 -4.97 8.45
C ASP A 168 22.37 -3.58 8.76
N GLU A 169 21.64 -2.83 9.59
CA GLU A 169 22.08 -1.50 9.99
C GLU A 169 23.43 -1.47 10.73
N ALA A 170 23.69 -2.51 11.53
CA ALA A 170 24.97 -2.62 12.18
C ALA A 170 26.13 -2.89 11.20
N VAL A 171 25.87 -3.52 10.07
CA VAL A 171 26.94 -3.89 9.14
C VAL A 171 27.14 -2.79 8.12
N TYR A 172 26.04 -2.26 7.59
CA TYR A 172 26.09 -1.24 6.53
C TYR A 172 26.14 0.20 7.02
N GLY A 173 25.82 0.44 8.28
CA GLY A 173 25.77 1.82 8.80
C GLY A 173 24.44 2.44 8.41
N LYS A 174 24.19 3.68 8.82
CA LYS A 174 22.93 4.37 8.51
C LYS A 174 23.19 5.71 7.84
N GLY A 175 22.27 6.09 6.96
CA GLY A 175 22.25 7.41 6.34
C GLY A 175 23.45 7.75 5.48
N ALA A 176 23.99 8.94 5.68
CA ALA A 176 25.20 9.36 4.98
C ALA A 176 26.35 8.33 5.16
N LYS A 177 26.45 7.69 6.33
CA LYS A 177 27.53 6.76 6.64
C LYS A 177 27.38 5.34 6.07
N ARG A 178 26.27 5.10 5.38
CA ARG A 178 25.94 3.81 4.82
C ARG A 178 27.01 3.41 3.81
N ALA A 179 27.53 2.21 3.92
CA ALA A 179 28.61 1.75 3.05
C ALA A 179 28.72 0.24 3.07
N VAL A 180 29.13 -0.34 1.94
CA VAL A 180 29.39 -1.78 1.84
C VAL A 180 30.74 -1.98 2.52
N PRO A 181 30.87 -2.94 3.47
CA PRO A 181 32.17 -3.14 4.08
C PRO A 181 33.09 -4.04 3.25
N ASP A 182 34.30 -4.22 3.73
CA ASP A 182 35.31 -5.06 3.10
C ASP A 182 34.81 -6.47 2.95
N GLU A 183 35.34 -7.17 1.96
CA GLU A 183 34.86 -8.51 1.61
C GLU A 183 34.74 -9.48 2.80
N PRO A 184 35.73 -9.53 3.70
CA PRO A 184 35.56 -10.50 4.79
C PRO A 184 34.36 -10.21 5.69
N VAL A 185 34.08 -8.92 5.92
CA VAL A 185 33.01 -8.55 6.81
C VAL A 185 31.68 -8.78 6.08
N LEU A 186 31.65 -8.39 4.81
CA LEU A 186 30.45 -8.58 4.01
C LEU A 186 30.14 -10.06 3.89
N ALA A 187 31.18 -10.86 3.63
CA ALA A 187 30.97 -12.30 3.35
C ALA A 187 30.42 -13.02 4.57
N GLU A 188 30.97 -12.73 5.73
CA GLU A 188 30.47 -13.34 6.94
C GLU A 188 29.01 -12.96 7.26
N HIS A 189 28.66 -11.70 7.09
CA HIS A 189 27.28 -11.23 7.18
C HIS A 189 26.35 -11.99 6.27
N LEU A 190 26.67 -12.09 4.98
CA LEU A 190 25.76 -12.79 4.10
C LEU A 190 25.60 -14.26 4.43
N VAL A 191 26.69 -14.91 4.80
CA VAL A 191 26.64 -16.30 5.20
C VAL A 191 25.80 -16.48 6.50
N ARG A 192 25.97 -15.60 7.48
CA ARG A 192 25.16 -15.61 8.69
C ARG A 192 23.67 -15.43 8.39
N LYS A 193 23.34 -14.56 7.45
CA LYS A 193 21.93 -14.41 7.07
C LYS A 193 21.37 -15.68 6.42
N ALA A 194 22.14 -16.25 5.51
CA ALA A 194 21.73 -17.48 4.86
C ALA A 194 21.59 -18.61 5.88
N ALA A 195 22.52 -18.67 6.82
CA ALA A 195 22.46 -19.71 7.87
C ALA A 195 21.22 -19.56 8.75
N ALA A 196 20.86 -18.32 9.04
CA ALA A 196 19.65 -17.99 9.85
C ALA A 196 18.43 -18.44 9.08
N ILE A 197 18.38 -18.11 7.79
CA ILE A 197 17.26 -18.53 6.94
C ILE A 197 17.11 -20.04 6.93
N TRP A 198 18.22 -20.74 6.72
CA TRP A 198 18.25 -22.17 6.74
C TRP A 198 17.72 -22.72 8.03
N ALA A 199 18.12 -22.12 9.16
CA ALA A 199 17.68 -22.63 10.48
C ALA A 199 16.24 -22.28 10.78
N LEU A 200 15.75 -21.17 10.28
CA LEU A 200 14.46 -20.63 10.75
C LEU A 200 13.25 -21.07 9.91
N GLU A 201 13.48 -21.63 8.73
CA GLU A 201 12.38 -22.06 7.86
C GLU A 201 11.39 -22.95 8.60
N ARG A 202 11.90 -24.02 9.18
CA ARG A 202 11.04 -25.00 9.86
C ARG A 202 10.23 -24.39 11.02
N PRO A 203 10.86 -23.71 11.97
CA PRO A 203 10.01 -23.10 13.03
C PRO A 203 9.00 -22.06 12.54
N PHE A 204 9.35 -21.28 11.52
CA PHE A 204 8.36 -20.36 10.97
C PHE A 204 7.19 -21.10 10.29
N LEU A 205 7.52 -22.10 9.49
CA LEU A 205 6.45 -22.87 8.81
C LEU A 205 5.56 -23.61 9.82
N ASP A 206 6.15 -24.16 10.87
CA ASP A 206 5.36 -24.80 11.95
C ASP A 206 4.39 -23.78 12.61
N GLU A 207 4.82 -22.55 12.90
CA GLU A 207 3.89 -21.60 13.51
C GLU A 207 2.80 -21.16 12.54
N LEU A 208 3.17 -20.87 11.29
CA LEU A 208 2.19 -20.56 10.25
C LEU A 208 1.13 -21.64 10.18
N ARG A 209 1.55 -22.88 10.24
CA ARG A 209 0.60 -23.98 10.15
C ARG A 209 -0.33 -24.04 11.39
N ARG A 210 0.21 -23.80 12.58
CA ARG A 210 -0.61 -23.76 13.81
C ARG A 210 -1.62 -22.61 13.74
N ASN A 211 -1.22 -21.52 13.11
CA ASN A 211 -2.13 -20.41 12.86
C ASN A 211 -3.09 -20.58 11.65
N GLU A 212 -3.06 -21.71 10.94
CA GLU A 212 -3.80 -21.86 9.66
C GLU A 212 -3.46 -20.77 8.61
N GLN A 213 -2.21 -20.41 8.54
CA GLN A 213 -1.70 -19.43 7.63
C GLN A 213 -0.68 -20.00 6.63
N ASP A 214 -0.48 -21.29 6.62
CA ASP A 214 0.57 -21.84 5.70
C ASP A 214 0.17 -21.72 4.23
N ARG A 215 -1.09 -21.92 3.91
CA ARG A 215 -1.59 -21.66 2.56
C ARG A 215 -1.62 -20.18 2.21
N LEU A 216 -1.92 -19.32 3.19
CA LEU A 216 -1.77 -17.89 2.98
C LEU A 216 -0.38 -17.50 2.49
N LEU A 217 0.68 -18.05 3.09
CA LEU A 217 2.02 -17.76 2.63
C LEU A 217 2.25 -18.37 1.24
N VAL A 218 2.01 -19.66 1.11
CA VAL A 218 2.41 -20.46 -0.06
C VAL A 218 1.55 -20.24 -1.31
N GLU A 219 0.25 -20.02 -1.12
CA GLU A 219 -0.69 -19.87 -2.22
C GLU A 219 -1.08 -18.47 -2.47
N LEU A 220 -0.77 -17.52 -1.56
CA LEU A 220 -1.18 -16.15 -1.80
C LEU A 220 -0.01 -15.19 -1.80
N GLU A 221 0.66 -14.99 -0.65
CA GLU A 221 1.66 -13.92 -0.58
C GLU A 221 2.90 -14.22 -1.44
N GLN A 222 3.38 -15.47 -1.46
CA GLN A 222 4.57 -15.75 -2.26
C GLN A 222 4.25 -15.63 -3.78
N PRO A 223 3.15 -16.21 -4.27
CA PRO A 223 2.88 -16.03 -5.71
C PRO A 223 2.64 -14.56 -6.02
N LEU A 224 2.08 -13.82 -5.07
CA LEU A 224 1.81 -12.41 -5.34
C LEU A 224 3.12 -11.65 -5.49
N SER A 225 4.14 -12.08 -4.73
CA SER A 225 5.39 -11.38 -4.71
C SER A 225 6.03 -11.42 -6.14
N SER A 226 5.93 -12.57 -6.80
CA SER A 226 6.35 -12.71 -8.23
C SER A 226 5.63 -11.77 -9.20
N ILE A 227 4.32 -11.63 -8.99
CA ILE A 227 3.45 -10.76 -9.78
C ILE A 227 3.82 -9.30 -9.55
N LEU A 228 4.07 -8.95 -8.29
CA LEU A 228 4.48 -7.57 -8.03
C LEU A 228 5.87 -7.26 -8.62
N ALA A 229 6.74 -8.23 -8.62
CA ALA A 229 8.10 -8.06 -9.16
C ALA A 229 7.95 -7.74 -10.67
N GLU A 230 7.06 -8.46 -11.36
CA GLU A 230 6.85 -8.24 -12.79
C GLU A 230 6.25 -6.84 -13.02
N MET A 231 5.34 -6.43 -12.15
CA MET A 231 4.68 -5.10 -12.28
C MET A 231 5.70 -3.97 -12.07
N GLU A 232 6.54 -4.13 -11.06
CA GLU A 232 7.55 -3.10 -10.77
C GLU A 232 8.58 -3.03 -11.90
N PHE A 233 9.01 -4.17 -12.37
CA PHE A 233 9.97 -4.24 -13.47
C PHE A 233 9.42 -3.63 -14.75
N ALA A 234 8.15 -3.91 -15.06
CA ALA A 234 7.51 -3.33 -16.27
C ALA A 234 7.45 -1.80 -16.20
N GLY A 235 7.08 -1.28 -15.04
CA GLY A 235 7.05 0.16 -14.84
C GLY A 235 5.82 0.76 -15.55
N VAL A 236 5.60 2.04 -15.34
CA VAL A 236 4.54 2.80 -16.02
C VAL A 236 5.22 3.96 -16.76
N LYS A 237 4.85 4.14 -18.01
CA LYS A 237 5.43 5.15 -18.87
C LYS A 237 4.83 6.48 -18.50
N VAL A 238 5.67 7.51 -18.48
CA VAL A 238 5.27 8.87 -18.20
C VAL A 238 5.58 9.77 -19.35
N ASP A 239 4.60 10.63 -19.69
CA ASP A 239 4.74 11.68 -20.68
C ASP A 239 5.38 12.86 -19.95
N THR A 240 6.70 12.86 -19.90
CA THR A 240 7.41 13.87 -19.14
C THR A 240 7.18 15.23 -19.71
N LYS A 241 7.00 15.31 -21.03
CA LYS A 241 6.80 16.59 -21.68
C LYS A 241 5.52 17.25 -21.18
N ARG A 242 4.48 16.46 -21.03
CA ARG A 242 3.22 16.96 -20.50
C ARG A 242 3.37 17.44 -19.06
N LEU A 243 4.11 16.67 -18.27
CA LEU A 243 4.35 17.01 -16.87
C LEU A 243 5.11 18.32 -16.76
N GLU A 244 6.10 18.50 -17.63
CA GLU A 244 6.93 19.70 -17.61
C GLU A 244 6.14 20.94 -17.96
N GLN A 245 5.26 20.85 -18.95
CA GLN A 245 4.53 22.05 -19.35
C GLN A 245 3.47 22.41 -18.30
N MET A 246 2.87 21.38 -17.69
CA MET A 246 2.00 21.59 -16.54
C MET A 246 2.76 22.32 -15.43
N GLY A 247 3.98 21.87 -15.16
CA GLY A 247 4.84 22.50 -14.16
C GLY A 247 5.11 23.97 -14.47
N GLU A 248 5.36 24.27 -15.74
CA GLU A 248 5.53 25.66 -16.18
C GLU A 248 4.29 26.52 -15.90
N GLU A 249 3.12 25.99 -16.21
CA GLU A 249 1.89 26.71 -15.97
C GLU A 249 1.67 26.91 -14.48
N LEU A 250 1.94 25.88 -13.68
CA LEU A 250 1.79 26.00 -12.23
C LEU A 250 2.73 27.05 -11.63
N ALA A 251 3.97 27.09 -12.12
CA ALA A 251 4.97 27.99 -11.60
C ALA A 251 4.51 29.42 -11.83
N GLU A 252 3.95 29.67 -13.01
CA GLU A 252 3.40 30.99 -13.34
C GLU A 252 2.24 31.36 -12.42
N GLN A 253 1.33 30.42 -12.16
CA GLN A 253 0.22 30.65 -11.25
C GLN A 253 0.68 30.88 -9.80
N LEU A 254 1.68 30.11 -9.36
CA LEU A 254 2.25 30.27 -8.03
C LEU A 254 2.85 31.64 -7.82
N ARG A 255 3.61 32.12 -8.81
CA ARG A 255 4.25 33.43 -8.74
C ARG A 255 3.19 34.51 -8.59
N THR A 256 2.12 34.45 -9.38
CA THR A 256 1.03 35.41 -9.25
C THR A 256 0.42 35.39 -7.84
N VAL A 257 0.01 34.23 -7.35
CA VAL A 257 -0.67 34.16 -6.05
CA VAL A 257 -0.67 34.17 -6.04
C VAL A 257 0.31 34.53 -4.90
N GLU A 258 1.57 34.12 -5.01
CA GLU A 258 2.55 34.42 -4.00
C GLU A 258 2.67 35.93 -3.81
N GLN A 259 2.70 36.64 -4.93
CA GLN A 259 2.80 38.08 -4.92
C GLN A 259 1.58 38.68 -4.27
N ARG A 260 0.42 38.13 -4.59
CA ARG A 260 -0.85 38.62 -4.04
C ARG A 260 -0.86 38.46 -2.53
N ILE A 261 -0.33 37.34 -2.06
CA ILE A 261 -0.24 37.07 -0.64
C ILE A 261 0.65 38.06 0.09
N TYR A 262 1.80 38.42 -0.51
CA TYR A 262 2.72 39.36 0.12
C TYR A 262 2.10 40.73 0.19
N GLU A 263 1.41 41.12 -0.89
CA GLU A 263 0.66 42.37 -0.93
C GLU A 263 -0.34 42.39 0.21
N LEU A 264 -1.16 41.34 0.31
CA LEU A 264 -2.20 41.30 1.33
C LEU A 264 -1.63 41.22 2.75
N ALA A 265 -0.49 40.55 2.92
CA ALA A 265 0.19 40.52 4.23
C ALA A 265 0.95 41.83 4.54
N GLY A 266 1.15 42.67 3.52
CA GLY A 266 2.00 43.84 3.65
C GLY A 266 3.45 43.45 3.88
N GLN A 267 3.87 42.29 3.41
CA GLN A 267 5.17 41.74 3.84
C GLN A 267 5.53 40.42 3.15
N GLU A 268 6.82 40.19 2.86
CA GLU A 268 7.29 38.89 2.39
C GLU A 268 7.57 37.95 3.55
N PHE A 269 7.26 36.67 3.37
CA PHE A 269 7.49 35.67 4.40
C PHE A 269 7.47 34.31 3.71
N ASN A 270 7.88 33.25 4.41
CA ASN A 270 7.85 31.94 3.80
C ASN A 270 6.45 31.35 3.99
N ILE A 271 5.69 31.31 2.90
CA ILE A 271 4.31 30.91 2.96
C ILE A 271 4.24 29.44 3.28
N ASN A 272 5.31 28.69 2.95
CA ASN A 272 5.41 27.25 3.23
C ASN A 272 5.72 26.90 4.68
N SER A 273 5.94 27.91 5.51
CA SER A 273 6.25 27.69 6.90
C SER A 273 4.98 27.92 7.72
N PRO A 274 4.39 26.84 8.26
CA PRO A 274 3.22 27.04 9.14
C PRO A 274 3.49 28.01 10.31
N LYS A 275 4.74 28.10 10.76
CA LYS A 275 5.09 28.97 11.87
C LYS A 275 5.05 30.46 11.49
N GLN A 276 5.59 30.79 10.32
CA GLN A 276 5.61 32.17 9.82
C GLN A 276 4.22 32.57 9.37
N LEU A 277 3.51 31.65 8.74
CA LEU A 277 2.13 31.90 8.32
C LEU A 277 1.24 32.17 9.54
N GLY A 278 1.45 31.38 10.60
CA GLY A 278 0.79 31.61 11.87
C GLY A 278 0.99 33.01 12.44
N VAL A 279 2.22 33.52 12.40
CA VAL A 279 2.45 34.90 12.86
C VAL A 279 1.64 35.90 12.01
N ILE A 280 1.61 35.70 10.69
CA ILE A 280 0.89 36.63 9.80
C ILE A 280 -0.61 36.58 10.12
N LEU A 281 -1.16 35.40 10.19
CA LEU A 281 -2.58 35.21 10.31
C LEU A 281 -3.07 35.65 11.69
N PHE A 282 -2.41 35.14 12.72
CA PHE A 282 -2.95 35.17 14.07
C PHE A 282 -2.40 36.26 14.93
N GLU A 283 -1.26 36.83 14.55
CA GLU A 283 -0.68 37.97 15.25
C GLU A 283 -0.83 39.24 14.45
N LYS A 284 -0.31 39.30 13.22
CA LYS A 284 -0.38 40.56 12.48
C LYS A 284 -1.83 40.89 12.08
N LEU A 285 -2.54 39.91 11.52
CA LEU A 285 -3.91 40.16 11.02
C LEU A 285 -5.00 39.87 12.07
N GLN A 286 -4.61 39.22 13.18
CA GLN A 286 -5.47 39.03 14.33
C GLN A 286 -6.71 38.16 14.03
N LEU A 287 -6.58 37.22 13.10
CA LEU A 287 -7.66 36.28 12.84
C LEU A 287 -7.87 35.43 14.10
N PRO A 288 -9.13 34.99 14.37
CA PRO A 288 -9.35 34.10 15.54
C PRO A 288 -8.58 32.78 15.44
N VAL A 289 -8.07 32.33 16.56
CA VAL A 289 -7.43 31.05 16.69
C VAL A 289 -8.51 30.03 17.02
N LEU A 290 -8.90 29.25 16.02
CA LEU A 290 -9.97 28.25 16.17
C LEU A 290 -9.42 26.90 16.58
N LYS A 291 -8.12 26.68 16.41
CA LYS A 291 -7.52 25.38 16.64
C LYS A 291 -6.01 25.51 16.83
N LYS A 292 -5.48 24.79 17.81
CA LYS A 292 -4.06 24.77 18.08
C LYS A 292 -3.48 23.40 17.75
N SER A 293 -2.18 23.39 17.50
CA SER A 293 -1.41 22.17 17.35
CA SER A 293 -1.41 22.17 17.35
C SER A 293 -0.55 22.02 18.59
N LYS A 294 0.11 20.88 18.72
CA LYS A 294 1.08 20.65 19.80
C LYS A 294 1.98 21.87 20.01
N THR A 295 2.56 22.37 18.92
CA THR A 295 3.61 23.40 18.99
C THR A 295 3.13 24.83 18.70
N GLY A 296 1.89 25.02 18.26
CA GLY A 296 1.45 26.38 17.91
C GLY A 296 0.01 26.50 17.41
N TYR A 297 -0.19 27.36 16.41
CA TYR A 297 -1.53 27.58 15.86
C TYR A 297 -1.73 26.69 14.63
N SER A 298 -2.91 26.11 14.48
CA SER A 298 -3.23 25.33 13.29
C SER A 298 -3.42 26.22 12.08
N THR A 299 -2.86 25.77 10.96
CA THR A 299 -3.07 26.43 9.69
C THR A 299 -3.57 25.38 8.67
N SER A 300 -4.21 24.33 9.15
CA SER A 300 -4.74 23.30 8.27
C SER A 300 -5.84 23.87 7.34
N ALA A 301 -6.08 23.21 6.21
CA ALA A 301 -7.01 23.72 5.22
C ALA A 301 -8.40 23.92 5.81
N ASP A 302 -8.85 22.99 6.65
CA ASP A 302 -10.21 23.06 7.19
C ASP A 302 -10.39 24.28 8.14
N VAL A 303 -9.34 24.63 8.88
CA VAL A 303 -9.32 25.81 9.72
C VAL A 303 -9.31 27.05 8.84
N LEU A 304 -8.46 27.06 7.82
CA LEU A 304 -8.39 28.22 6.95
C LEU A 304 -9.73 28.50 6.25
N GLU A 305 -10.39 27.46 5.77
CA GLU A 305 -11.73 27.64 5.19
C GLU A 305 -12.65 28.45 6.10
N LYS A 306 -12.60 28.19 7.40
CA LYS A 306 -13.47 28.88 8.37
C LYS A 306 -13.03 30.32 8.61
N LEU A 307 -11.77 30.65 8.33
CA LEU A 307 -11.31 32.04 8.43
C LEU A 307 -11.47 32.93 7.16
N ALA A 308 -11.76 32.31 6.03
CA ALA A 308 -11.87 33.03 4.74
C ALA A 308 -12.73 34.30 4.80
N PRO A 309 -13.87 34.27 5.51
CA PRO A 309 -14.68 35.50 5.57
C PRO A 309 -14.02 36.67 6.24
N TYR A 310 -13.03 36.44 7.11
CA TYR A 310 -12.36 37.56 7.79
C TYR A 310 -11.36 38.35 6.95
N HIS A 311 -10.73 37.72 5.97
CA HIS A 311 -9.63 38.36 5.28
C HIS A 311 -9.38 37.71 3.96
N GLU A 312 -9.10 38.53 2.95
CA GLU A 312 -8.90 38.09 1.57
C GLU A 312 -7.63 37.22 1.43
N ILE A 313 -6.65 37.43 2.32
CA ILE A 313 -5.40 36.62 2.28
C ILE A 313 -5.72 35.12 2.35
N VAL A 314 -6.74 34.75 3.13
CA VAL A 314 -7.01 33.33 3.39
C VAL A 314 -7.30 32.50 2.13
N GLU A 315 -8.24 32.93 1.30
CA GLU A 315 -8.50 32.20 0.04
C GLU A 315 -7.22 32.10 -0.83
N ASN A 316 -6.39 33.13 -0.82
CA ASN A 316 -5.16 33.12 -1.57
C ASN A 316 -4.17 32.10 -1.04
N ILE A 317 -4.01 32.00 0.28
CA ILE A 317 -3.22 30.92 0.91
C ILE A 317 -3.70 29.49 0.58
N LEU A 318 -5.00 29.30 0.61
CA LEU A 318 -5.59 28.01 0.21
C LEU A 318 -5.24 27.70 -1.23
N HIS A 319 -5.34 28.68 -2.11
CA HIS A 319 -5.01 28.47 -3.54
C HIS A 319 -3.52 28.15 -3.69
N TYR A 320 -2.68 28.89 -2.97
CA TYR A 320 -1.25 28.64 -2.96
C TYR A 320 -0.91 27.19 -2.52
N ARG A 321 -1.52 26.73 -1.43
CA ARG A 321 -1.31 25.38 -0.93
C ARG A 321 -1.69 24.31 -1.95
N GLN A 322 -2.82 24.50 -2.63
CA GLN A 322 -3.32 23.53 -3.62
C GLN A 322 -2.34 23.46 -4.78
N LEU A 323 -1.98 24.61 -5.35
CA LEU A 323 -0.99 24.67 -6.44
C LEU A 323 0.38 24.13 -6.03
N GLY A 324 0.84 24.50 -4.85
CA GLY A 324 2.18 24.14 -4.42
C GLY A 324 2.31 22.67 -4.11
N LYS A 325 1.23 22.08 -3.66
CA LYS A 325 1.18 20.62 -3.43
C LYS A 325 1.32 19.89 -4.74
N LEU A 326 0.57 20.31 -5.76
CA LEU A 326 0.71 19.72 -7.08
C LEU A 326 2.12 19.88 -7.62
N GLN A 327 2.67 21.08 -7.53
CA GLN A 327 3.98 21.39 -8.09
C GLN A 327 5.11 20.58 -7.42
N SER A 328 5.14 20.59 -6.10
CA SER A 328 6.25 20.03 -5.36
C SER A 328 6.14 18.50 -5.23
N THR A 329 4.96 17.99 -4.94
CA THR A 329 4.81 16.55 -4.71
C THR A 329 4.54 15.81 -6.00
N TYR A 330 3.49 16.21 -6.71
CA TYR A 330 3.11 15.56 -7.95
C TYR A 330 3.97 15.74 -9.22
N ILE A 331 4.44 16.96 -9.47
CA ILE A 331 5.18 17.20 -10.71
C ILE A 331 6.69 17.16 -10.56
N GLU A 332 7.23 17.91 -9.60
CA GLU A 332 8.65 17.87 -9.31
C GLU A 332 9.02 16.49 -8.78
N GLY A 333 8.14 15.98 -7.92
CA GLY A 333 8.29 14.67 -7.30
C GLY A 333 8.30 13.49 -8.24
N LEU A 334 7.41 13.50 -9.22
CA LEU A 334 7.37 12.44 -10.21
C LEU A 334 8.55 12.52 -11.13
N LEU A 335 8.81 13.73 -11.64
CA LEU A 335 9.88 13.94 -12.60
C LEU A 335 11.21 13.44 -12.07
N LYS A 336 11.43 13.60 -10.78
CA LYS A 336 12.66 13.20 -10.10
C LYS A 336 12.89 11.68 -10.09
N VAL A 337 11.85 10.89 -10.21
CA VAL A 337 11.97 9.45 -10.14
C VAL A 337 11.60 8.72 -11.46
N VAL A 338 11.39 9.46 -12.56
CA VAL A 338 11.28 8.89 -13.91
C VAL A 338 12.68 8.52 -14.38
N ARG A 339 12.85 7.30 -14.86
CA ARG A 339 14.14 6.93 -15.41
C ARG A 339 14.28 7.52 -16.79
N PRO A 340 15.33 8.30 -17.01
CA PRO A 340 15.49 9.08 -18.24
C PRO A 340 15.69 8.26 -19.50
N ASP A 341 16.05 7.02 -19.37
CA ASP A 341 16.36 6.30 -20.58
C ASP A 341 15.16 5.59 -21.16
N THR A 342 14.20 5.27 -20.32
CA THR A 342 12.94 4.67 -20.77
C THR A 342 11.69 5.47 -20.42
N LYS A 343 11.87 6.59 -19.73
CA LYS A 343 10.75 7.42 -19.30
C LYS A 343 9.68 6.64 -18.57
N LYS A 344 10.08 5.69 -17.75
CA LYS A 344 9.17 5.02 -16.90
C LYS A 344 9.48 5.30 -15.42
N VAL A 345 8.47 5.14 -14.61
CA VAL A 345 8.63 5.07 -13.16
C VAL A 345 8.46 3.60 -12.78
N HIS A 346 9.30 3.13 -11.86
CA HIS A 346 9.26 1.74 -11.38
C HIS A 346 9.06 1.80 -9.87
N THR A 347 7.83 1.82 -9.44
CA THR A 347 7.53 1.83 -8.04
C THR A 347 8.10 0.60 -7.36
N ILE A 348 8.18 0.67 -6.03
CA ILE A 348 8.42 -0.52 -5.24
C ILE A 348 7.19 -0.71 -4.34
N PHE A 349 6.52 -1.85 -4.46
CA PHE A 349 5.45 -2.20 -3.56
C PHE A 349 5.98 -2.81 -2.28
N ASN A 350 5.58 -2.27 -1.14
CA ASN A 350 5.96 -2.91 0.15
C ASN A 350 4.81 -3.82 0.50
N GLN A 351 5.08 -5.12 0.42
CA GLN A 351 4.10 -6.15 0.69
C GLN A 351 4.09 -6.58 2.16
N ALA A 352 5.01 -6.05 2.97
CA ALA A 352 5.22 -6.56 4.32
C ALA A 352 5.27 -5.42 5.32
N LEU A 353 4.40 -4.43 5.16
CA LEU A 353 4.44 -3.23 5.99
C LEU A 353 3.15 -3.00 6.75
N THR A 354 2.02 -2.97 6.07
CA THR A 354 0.78 -2.53 6.78
C THR A 354 0.20 -3.59 7.71
N GLN A 355 -0.53 -3.11 8.70
CA GLN A 355 -1.15 -3.97 9.70
C GLN A 355 -2.45 -4.56 9.21
N THR A 356 -2.93 -4.10 8.07
CA THR A 356 -4.20 -4.57 7.55
C THR A 356 -4.02 -5.59 6.44
N GLY A 357 -2.80 -5.72 5.91
CA GLY A 357 -2.52 -6.54 4.75
C GLY A 357 -2.60 -5.80 3.43
N ARG A 358 -2.84 -4.49 3.50
CA ARG A 358 -2.81 -3.63 2.33
C ARG A 358 -1.38 -3.43 1.80
N LEU A 359 -1.25 -3.30 0.49
CA LEU A 359 0.02 -2.95 -0.15
C LEU A 359 0.36 -1.47 0.06
N SER A 360 1.65 -1.15 -0.01
CA SER A 360 2.11 0.24 0.03
C SER A 360 3.04 0.46 -1.16
N SER A 361 3.17 1.70 -1.62
CA SER A 361 3.89 1.97 -2.89
C SER A 361 4.82 3.15 -2.62
N THR A 362 6.11 3.03 -3.05
CA THR A 362 7.08 4.08 -2.85
C THR A 362 7.90 4.37 -4.14
N GLU A 363 8.37 5.61 -4.23
CA GLU A 363 9.38 6.03 -5.18
C GLU A 363 9.05 5.71 -6.65
N PRO A 364 7.90 6.17 -7.14
CA PRO A 364 6.96 7.05 -6.44
C PRO A 364 5.84 6.27 -5.79
N ASN A 365 5.12 6.95 -4.90
CA ASN A 365 3.89 6.41 -4.38
C ASN A 365 2.83 6.61 -5.46
N LEU A 366 2.29 5.52 -6.00
CA LEU A 366 1.34 5.67 -7.06
C LEU A 366 -0.07 5.38 -6.58
N GLN A 367 -0.26 5.39 -5.25
CA GLN A 367 -1.56 5.09 -4.67
C GLN A 367 -2.22 6.33 -4.14
N ASN A 368 -1.59 7.49 -4.35
CA ASN A 368 -2.20 8.73 -3.89
C ASN A 368 -2.16 9.84 -4.96
N ILE A 369 -2.22 9.45 -6.23
CA ILE A 369 -2.21 10.41 -7.35
C ILE A 369 -3.56 11.13 -7.36
N PRO A 370 -3.56 12.48 -7.50
CA PRO A 370 -4.83 13.15 -7.33
C PRO A 370 -5.92 12.69 -8.27
N ILE A 371 -7.16 12.79 -7.77
CA ILE A 371 -8.35 12.41 -8.53
C ILE A 371 -9.59 13.22 -8.15
N ARG A 372 -9.69 13.66 -6.90
CA ARG A 372 -10.91 14.29 -6.39
C ARG A 372 -11.19 15.66 -7.05
N LEU A 373 -10.18 16.52 -7.16
CA LEU A 373 -10.38 17.81 -7.81
C LEU A 373 -9.77 17.77 -9.21
N GLU A 374 -10.48 18.36 -10.17
CA GLU A 374 -10.13 18.30 -11.60
C GLU A 374 -8.70 18.81 -11.92
N GLU A 375 -8.30 19.93 -11.31
CA GLU A 375 -6.95 20.50 -11.47
C GLU A 375 -5.91 19.43 -11.20
N GLY A 376 -6.05 18.77 -10.07
CA GLY A 376 -5.12 17.74 -9.68
C GLY A 376 -5.19 16.49 -10.54
N ARG A 377 -6.42 16.12 -10.90
CA ARG A 377 -6.66 14.91 -11.66
C ARG A 377 -5.94 14.92 -12.99
N LYS A 378 -5.77 16.09 -13.58
CA LYS A 378 -5.07 16.20 -14.86
C LYS A 378 -3.66 15.61 -14.79
N ILE A 379 -3.10 15.48 -13.59
CA ILE A 379 -1.81 14.82 -13.43
C ILE A 379 -1.83 13.46 -14.07
N ARG A 380 -2.98 12.78 -14.00
CA ARG A 380 -3.06 11.42 -14.54
C ARG A 380 -2.99 11.36 -16.05
N GLN A 381 -3.08 12.50 -16.72
CA GLN A 381 -2.88 12.50 -18.18
C GLN A 381 -1.43 12.17 -18.57
N ALA A 382 -0.52 12.22 -17.60
CA ALA A 382 0.89 12.01 -17.85
C ALA A 382 1.25 10.53 -17.77
N PHE A 383 0.34 9.69 -17.33
CA PHE A 383 0.58 8.27 -17.26
C PHE A 383 -0.05 7.59 -18.45
N VAL A 384 0.81 7.02 -19.29
CA VAL A 384 0.41 6.63 -20.64
C VAL A 384 0.81 5.19 -20.89
N PRO A 385 0.27 4.56 -21.92
CA PRO A 385 0.71 3.20 -22.24
C PRO A 385 2.16 3.21 -22.73
N SER A 386 2.87 2.08 -22.55
CA SER A 386 4.29 2.01 -22.86
C SER A 386 4.56 1.68 -24.32
N GLU A 387 3.53 1.41 -25.10
CA GLU A 387 3.75 1.05 -26.50
C GLU A 387 2.70 1.72 -27.36
N SER A 388 2.98 1.91 -28.66
CA SER A 388 2.02 2.64 -29.44
C SER A 388 0.86 1.71 -29.71
N ASP A 389 -0.34 2.29 -29.83
CA ASP A 389 -1.54 1.48 -30.14
C ASP A 389 -1.95 0.60 -28.96
N TRP A 390 -1.39 0.87 -27.78
CA TRP A 390 -1.84 0.32 -26.51
C TRP A 390 -2.67 1.33 -25.76
N LEU A 391 -3.49 0.85 -24.83
CA LEU A 391 -4.34 1.64 -23.95
C LEU A 391 -4.25 1.19 -22.49
N ILE A 392 -4.66 2.10 -21.60
CA ILE A 392 -4.76 1.86 -20.20
C ILE A 392 -6.18 1.36 -19.89
N PHE A 393 -6.25 0.30 -19.10
CA PHE A 393 -7.53 -0.32 -18.66
C PHE A 393 -7.49 -0.34 -17.13
N ALA A 394 -8.56 0.12 -16.48
CA ALA A 394 -8.66 0.21 -15.02
C ALA A 394 -9.96 -0.44 -14.59
N ALA A 395 -9.89 -1.26 -13.57
CA ALA A 395 -11.05 -1.97 -13.09
C ALA A 395 -11.03 -1.81 -11.56
N ASP A 396 -12.17 -1.39 -10.99
CA ASP A 396 -12.29 -1.20 -9.54
C ASP A 396 -13.52 -1.89 -8.96
N TYR A 397 -13.33 -2.44 -7.77
CA TYR A 397 -14.46 -2.91 -7.00
C TYR A 397 -15.29 -1.73 -6.55
N SER A 398 -16.60 -1.92 -6.63
CA SER A 398 -17.56 -1.02 -6.09
C SER A 398 -17.89 -1.41 -4.66
N GLN A 399 -17.55 -0.55 -3.73
CA GLN A 399 -17.88 -0.71 -2.32
C GLN A 399 -17.47 -2.08 -1.75
N ILE A 400 -16.28 -2.54 -2.07
CA ILE A 400 -15.83 -3.84 -1.55
C ILE A 400 -15.84 -3.91 -0.01
N GLU A 401 -15.47 -2.84 0.69
CA GLU A 401 -15.39 -2.90 2.13
C GLU A 401 -16.75 -3.07 2.75
N LEU A 402 -17.75 -2.33 2.29
CA LEU A 402 -19.10 -2.53 2.88
C LEU A 402 -19.71 -3.84 2.48
N ARG A 403 -19.40 -4.32 1.29
CA ARG A 403 -19.85 -5.65 0.91
C ARG A 403 -19.25 -6.74 1.78
N VAL A 404 -17.96 -6.64 2.07
CA VAL A 404 -17.32 -7.54 3.05
C VAL A 404 -17.98 -7.47 4.42
N LEU A 405 -18.26 -6.24 4.87
CA LEU A 405 -18.96 -6.05 6.13
C LEU A 405 -20.36 -6.72 6.14
N ALA A 406 -21.12 -6.54 5.05
CA ALA A 406 -22.38 -7.22 4.87
C ALA A 406 -22.24 -8.71 5.08
N HIS A 407 -21.25 -9.28 4.41
CA HIS A 407 -21.00 -10.71 4.52
C HIS A 407 -20.59 -11.13 5.90
N ILE A 408 -19.63 -10.45 6.50
CA ILE A 408 -19.14 -10.93 7.77
CA ILE A 408 -19.11 -10.86 7.79
C ILE A 408 -20.14 -10.67 8.90
N ALA A 409 -20.92 -9.59 8.83
CA ALA A 409 -21.87 -9.31 9.90
C ALA A 409 -23.19 -10.07 9.67
N GLU A 410 -23.44 -10.55 8.44
CA GLU A 410 -24.73 -11.08 8.05
C GLU A 410 -25.84 -10.10 8.42
N ASP A 411 -25.64 -8.81 8.13
CA ASP A 411 -26.68 -7.82 8.43
C ASP A 411 -27.76 -7.90 7.30
N ASP A 412 -28.98 -8.26 7.64
CA ASP A 412 -30.03 -8.54 6.63
C ASP A 412 -30.29 -7.32 5.76
N ASN A 413 -30.31 -6.13 6.39
CA ASN A 413 -30.56 -4.87 5.67
C ASN A 413 -29.44 -4.51 4.72
N LEU A 414 -28.20 -4.60 5.20
CA LEU A 414 -27.08 -4.33 4.36
C LEU A 414 -26.96 -5.36 3.25
N MET A 415 -27.20 -6.64 3.54
CA MET A 415 -27.10 -7.66 2.49
C MET A 415 -28.13 -7.41 1.43
N GLU A 416 -29.36 -7.05 1.84
CA GLU A 416 -30.48 -6.78 0.89
C GLU A 416 -30.09 -5.60 -0.02
N ALA A 417 -29.56 -4.54 0.57
CA ALA A 417 -29.11 -3.38 -0.19
C ALA A 417 -28.12 -3.75 -1.33
N PHE A 418 -27.09 -4.53 -1.02
CA PHE A 418 -26.14 -4.95 -2.04
C PHE A 418 -26.73 -5.97 -3.03
N ARG A 419 -27.67 -6.83 -2.57
CA ARG A 419 -28.32 -7.73 -3.50
C ARG A 419 -29.16 -6.98 -4.51
N ARG A 420 -29.65 -5.82 -4.13
CA ARG A 420 -30.38 -4.97 -5.03
C ARG A 420 -29.51 -3.97 -5.78
N ASP A 421 -28.21 -4.04 -5.56
CA ASP A 421 -27.24 -3.10 -6.11
C ASP A 421 -27.63 -1.63 -5.93
N LEU A 422 -28.10 -1.28 -4.72
CA LEU A 422 -28.56 0.06 -4.40
C LEU A 422 -27.37 0.98 -4.30
N ASP A 423 -27.60 2.27 -4.47
CA ASP A 423 -26.64 3.30 -4.06
C ASP A 423 -26.59 3.28 -2.52
N ILE A 424 -25.46 2.84 -1.98
CA ILE A 424 -25.42 2.50 -0.59
C ILE A 424 -25.50 3.76 0.28
N HIS A 425 -24.97 4.87 -0.22
CA HIS A 425 -25.05 6.15 0.48
C HIS A 425 -26.45 6.72 0.61
N THR A 426 -27.21 6.67 -0.49
CA THR A 426 -28.63 7.03 -0.45
C THR A 426 -29.47 6.14 0.45
N LYS A 427 -29.24 4.83 0.34
CA LYS A 427 -29.97 3.85 1.14
C LYS A 427 -29.65 4.07 2.63
N THR A 428 -28.40 4.32 2.98
CA THR A 428 -28.04 4.59 4.37
C THR A 428 -28.71 5.87 4.89
N ALA A 429 -28.75 6.92 4.05
CA ALA A 429 -29.50 8.15 4.37
C ALA A 429 -30.98 7.88 4.62
N MET A 430 -31.60 7.10 3.74
CA MET A 430 -33.03 6.82 3.87
C MET A 430 -33.32 6.16 5.23
N ASP A 431 -32.46 5.22 5.62
CA ASP A 431 -32.63 4.48 6.87
C ASP A 431 -32.35 5.33 8.10
N ILE A 432 -31.24 6.04 8.12
CA ILE A 432 -30.87 6.83 9.26
C ILE A 432 -31.86 7.96 9.49
N PHE A 433 -32.23 8.67 8.42
CA PHE A 433 -33.18 9.80 8.56
C PHE A 433 -34.63 9.40 8.43
N GLN A 434 -34.90 8.13 8.12
CA GLN A 434 -36.26 7.64 7.97
C GLN A 434 -37.06 8.40 6.93
N VAL A 435 -36.48 8.58 5.76
CA VAL A 435 -37.19 9.23 4.64
C VAL A 435 -37.21 8.33 3.41
N SER A 436 -38.09 8.66 2.46
CA SER A 436 -38.14 7.95 1.18
C SER A 436 -37.00 8.46 0.33
N GLU A 437 -36.70 7.75 -0.75
CA GLU A 437 -35.62 8.08 -1.63
C GLU A 437 -35.73 9.50 -2.21
N ASP A 438 -36.90 9.88 -2.65
CA ASP A 438 -37.04 11.23 -3.19
C ASP A 438 -36.98 12.36 -2.13
N GLU A 439 -36.98 12.03 -0.84
CA GLU A 439 -36.75 13.02 0.22
C GLU A 439 -35.28 13.12 0.67
N VAL A 440 -34.39 12.31 0.12
CA VAL A 440 -32.97 12.38 0.50
C VAL A 440 -32.37 13.62 -0.19
N THR A 441 -31.95 14.58 0.60
CA THR A 441 -31.32 15.75 0.05
C THR A 441 -29.83 15.50 -0.16
N PRO A 442 -29.17 16.35 -0.94
CA PRO A 442 -27.71 16.17 -1.07
C PRO A 442 -26.93 16.18 0.25
N ASN A 443 -27.31 17.06 1.19
CA ASN A 443 -26.60 17.08 2.48
C ASN A 443 -26.83 15.79 3.28
N MET A 444 -28.02 15.23 3.19
CA MET A 444 -28.31 13.97 3.89
C MET A 444 -27.44 12.88 3.34
N ARG A 445 -27.31 12.81 2.02
CA ARG A 445 -26.46 11.80 1.45
C ARG A 445 -24.99 11.97 1.80
N ARG A 446 -24.51 13.21 1.85
CA ARG A 446 -23.15 13.49 2.23
C ARG A 446 -22.85 13.01 3.65
N GLN A 447 -23.76 13.30 4.58
CA GLN A 447 -23.61 12.85 5.95
C GLN A 447 -23.67 11.32 6.11
N ALA A 448 -24.59 10.67 5.41
CA ALA A 448 -24.59 9.19 5.36
C ALA A 448 -23.29 8.60 4.82
N LYS A 449 -22.73 9.20 3.78
CA LYS A 449 -21.52 8.75 3.15
C LYS A 449 -20.38 8.86 4.15
N ALA A 450 -20.39 9.94 4.94
CA ALA A 450 -19.41 10.16 6.00
C ALA A 450 -19.47 9.09 7.07
N VAL A 451 -20.69 8.69 7.46
CA VAL A 451 -20.87 7.59 8.40
C VAL A 451 -20.28 6.31 7.78
N ASN A 452 -20.62 6.03 6.53
CA ASN A 452 -20.10 4.85 5.85
C ASN A 452 -18.57 4.84 5.76
N PHE A 453 -17.98 5.99 5.46
CA PHE A 453 -16.55 6.14 5.39
C PHE A 453 -15.92 5.84 6.73
N GLY A 454 -16.56 6.33 7.79
CA GLY A 454 -16.12 6.03 9.12
C GLY A 454 -16.09 4.55 9.44
N ILE A 455 -17.11 3.86 8.99
CA ILE A 455 -17.18 2.42 9.15
C ILE A 455 -16.08 1.73 8.34
N VAL A 456 -15.85 2.12 7.08
CA VAL A 456 -14.80 1.50 6.25
C VAL A 456 -13.39 1.74 6.83
N TYR A 457 -13.12 2.90 7.43
CA TYR A 457 -11.77 3.24 7.89
C TYR A 457 -11.56 3.19 9.40
N GLY A 458 -12.62 2.85 10.14
CA GLY A 458 -12.54 2.72 11.60
C GLY A 458 -12.22 4.02 12.29
N ILE A 459 -12.85 5.12 11.87
CA ILE A 459 -12.64 6.42 12.54
CA ILE A 459 -12.71 6.45 12.50
C ILE A 459 -13.50 6.46 13.82
N SER A 460 -13.09 7.29 14.77
CA SER A 460 -13.81 7.46 16.04
C SER A 460 -15.02 8.37 15.84
N ASP A 461 -15.89 8.44 16.87
CA ASP A 461 -16.97 9.46 16.90
C ASP A 461 -16.39 10.91 16.84
N TYR A 462 -15.22 11.12 17.44
CA TYR A 462 -14.52 12.42 17.37
C TYR A 462 -14.12 12.67 15.94
N GLY A 463 -13.55 11.64 15.33
CA GLY A 463 -13.20 11.69 13.92
C GLY A 463 -14.39 12.02 13.06
N LEU A 464 -15.55 11.42 13.36
CA LEU A 464 -16.76 11.62 12.57
C LEU A 464 -17.26 13.06 12.77
N ALA A 465 -17.34 13.49 14.03
CA ALA A 465 -17.60 14.87 14.41
C ALA A 465 -16.75 15.86 13.63
N GLN A 466 -15.45 15.57 13.56
CA GLN A 466 -14.45 16.40 12.88
C GLN A 466 -14.73 16.40 11.38
N ASN A 467 -14.94 15.21 10.81
CA ASN A 467 -15.22 15.12 9.38
C ASN A 467 -16.55 15.83 8.97
N LEU A 468 -17.53 15.92 9.89
CA LEU A 468 -18.84 16.49 9.54
C LEU A 468 -19.03 17.88 10.13
N ASN A 469 -18.00 18.39 10.80
CA ASN A 469 -18.08 19.66 11.51
C ASN A 469 -19.32 19.78 12.42
N ILE A 470 -19.56 18.74 13.21
CA ILE A 470 -20.66 18.73 14.16
C ILE A 470 -20.10 18.39 15.52
N SER A 471 -20.93 18.41 16.54
CA SER A 471 -20.47 18.05 17.87
C SER A 471 -20.31 16.54 18.03
N ARG A 472 -19.50 16.15 19.02
CA ARG A 472 -19.30 14.76 19.35
C ARG A 472 -20.62 14.07 19.66
N LYS A 473 -21.46 14.76 20.42
CA LYS A 473 -22.79 14.30 20.80
C LYS A 473 -23.65 13.95 19.60
N GLU A 474 -23.71 14.87 18.64
CA GLU A 474 -24.45 14.65 17.41
C GLU A 474 -23.90 13.50 16.60
N ALA A 475 -22.57 13.35 16.59
CA ALA A 475 -21.95 12.26 15.87
C ALA A 475 -22.32 10.90 16.52
N ALA A 476 -22.38 10.89 17.84
CA ALA A 476 -22.81 9.69 18.61
C ALA A 476 -24.25 9.33 18.25
N GLU A 477 -25.11 10.36 18.17
CA GLU A 477 -26.48 10.19 17.67
C GLU A 477 -26.55 9.58 16.24
N PHE A 478 -25.70 10.03 15.33
CA PHE A 478 -25.70 9.46 13.99
C PHE A 478 -25.39 7.96 14.06
N ILE A 479 -24.31 7.65 14.79
CA ILE A 479 -23.78 6.32 14.92
C ILE A 479 -24.85 5.42 15.54
N GLU A 480 -25.53 5.91 16.55
CA GLU A 480 -26.60 5.17 17.21
C GLU A 480 -27.78 4.93 16.28
N ARG A 481 -28.05 5.92 15.45
CA ARG A 481 -29.14 5.79 14.49
C ARG A 481 -28.74 4.75 13.40
N TYR A 482 -27.45 4.72 13.07
CA TYR A 482 -26.97 3.76 12.13
C TYR A 482 -27.18 2.31 12.64
N PHE A 483 -26.79 2.05 13.89
CA PHE A 483 -26.93 0.70 14.46
C PHE A 483 -28.38 0.27 14.61
N GLU A 484 -29.32 1.18 14.79
CA GLU A 484 -30.75 0.82 14.80
C GLU A 484 -31.21 0.31 13.41
N SER A 485 -30.62 0.82 12.34
CA SER A 485 -30.97 0.38 10.99
C SER A 485 -30.23 -0.85 10.55
N PHE A 486 -29.01 -1.04 11.09
CA PHE A 486 -28.14 -2.15 10.76
C PHE A 486 -27.74 -2.89 12.06
N PRO A 487 -28.71 -3.52 12.72
CA PRO A 487 -28.41 -4.19 14.00
C PRO A 487 -27.40 -5.33 13.91
N GLY A 488 -27.27 -5.94 12.73
CA GLY A 488 -26.31 -6.98 12.54
C GLY A 488 -24.88 -6.42 12.53
N VAL A 489 -24.73 -5.22 11.99
CA VAL A 489 -23.40 -4.56 12.04
C VAL A 489 -23.09 -4.20 13.54
N LYS A 490 -24.08 -3.75 14.27
CA LYS A 490 -23.86 -3.47 15.72
C LYS A 490 -23.40 -4.71 16.42
N ARG A 491 -24.07 -5.82 16.15
CA ARG A 491 -23.75 -7.11 16.76
C ARG A 491 -22.33 -7.58 16.41
N TYR A 492 -21.95 -7.42 15.14
CA TYR A 492 -20.60 -7.71 14.67
C TYR A 492 -19.56 -6.85 15.42
N MET A 493 -19.83 -5.58 15.58
CA MET A 493 -18.90 -4.67 16.23
CA MET A 493 -18.88 -4.70 16.23
C MET A 493 -18.71 -5.05 17.70
N GLU A 494 -19.80 -5.39 18.40
CA GLU A 494 -19.69 -5.88 19.76
C GLU A 494 -18.93 -7.21 19.85
N ASN A 495 -19.27 -8.14 18.96
CA ASN A 495 -18.74 -9.50 19.03
C ASN A 495 -17.27 -9.53 18.70
N ILE A 496 -16.83 -8.73 17.74
CA ILE A 496 -15.47 -8.77 17.33
C ILE A 496 -14.52 -8.12 18.37
N VAL A 497 -14.98 -7.09 19.08
CA VAL A 497 -14.20 -6.54 20.18
C VAL A 497 -14.03 -7.57 21.30
N GLN A 498 -15.07 -8.32 21.61
CA GLN A 498 -15.00 -9.37 22.64
C GLN A 498 -14.07 -10.50 22.14
N GLU A 499 -14.16 -10.83 20.87
CA GLU A 499 -13.27 -11.83 20.32
C GLU A 499 -11.79 -11.42 20.41
N ALA A 500 -11.49 -10.16 20.07
CA ALA A 500 -10.16 -9.64 20.16
C ALA A 500 -9.64 -9.70 21.60
N LYS A 501 -10.53 -9.35 22.53
CA LYS A 501 -10.22 -9.42 23.97
C LYS A 501 -9.90 -10.84 24.40
N GLN A 502 -10.69 -11.80 23.94
CA GLN A 502 -10.55 -13.20 24.38
C GLN A 502 -9.32 -13.92 23.75
N LYS A 503 -9.17 -13.78 22.44
CA LYS A 503 -8.13 -14.43 21.67
C LYS A 503 -6.81 -13.63 21.66
N GLY A 504 -6.88 -12.29 21.75
CA GLY A 504 -5.70 -11.46 21.59
C GLY A 504 -5.44 -10.94 20.19
N TYR A 505 -6.30 -11.34 19.24
CA TYR A 505 -6.08 -10.93 17.86
C TYR A 505 -7.39 -11.02 17.09
N VAL A 506 -7.45 -10.40 15.92
CA VAL A 506 -8.56 -10.62 15.01
C VAL A 506 -8.02 -11.17 13.69
N THR A 507 -8.89 -11.77 12.87
CA THR A 507 -8.45 -12.40 11.64
C THR A 507 -9.28 -11.95 10.47
N THR A 508 -8.69 -12.07 9.28
CA THR A 508 -9.41 -11.78 8.07
C THR A 508 -9.96 -13.05 7.43
N LEU A 509 -10.72 -12.87 6.37
CA LEU A 509 -11.26 -13.97 5.60
C LEU A 509 -10.26 -15.04 5.19
N LEU A 510 -9.04 -14.65 4.79
CA LEU A 510 -8.02 -15.60 4.40
C LEU A 510 -6.94 -15.87 5.49
N HIS A 511 -7.24 -15.49 6.74
CA HIS A 511 -6.55 -15.94 7.94
C HIS A 511 -5.36 -15.07 8.27
N ARG A 512 -5.33 -13.86 7.73
CA ARG A 512 -4.35 -12.87 8.16
C ARG A 512 -4.77 -12.48 9.59
N ARG A 513 -3.82 -12.06 10.40
CA ARG A 513 -4.00 -11.80 11.79
C ARG A 513 -3.40 -10.48 12.18
N ARG A 514 -4.05 -9.82 13.15
CA ARG A 514 -3.55 -8.62 13.78
C ARG A 514 -3.73 -8.78 15.29
N TYR A 515 -2.63 -8.72 16.06
CA TYR A 515 -2.66 -8.83 17.50
C TYR A 515 -3.05 -7.47 18.10
N LEU A 516 -3.89 -7.48 19.11
CA LEU A 516 -4.34 -6.21 19.69
C LEU A 516 -4.23 -6.22 21.18
N PRO A 517 -2.99 -6.18 21.68
CA PRO A 517 -2.82 -6.20 23.16
C PRO A 517 -3.30 -4.93 23.85
N ASP A 518 -3.46 -3.85 23.08
CA ASP A 518 -3.93 -2.57 23.62
C ASP A 518 -5.39 -2.57 24.04
N ILE A 519 -6.13 -3.60 23.64
CA ILE A 519 -7.58 -3.63 23.84
C ILE A 519 -7.97 -3.57 25.32
N THR A 520 -7.23 -4.27 26.17
CA THR A 520 -7.43 -4.22 27.62
C THR A 520 -7.16 -2.84 28.25
N SER A 521 -6.15 -2.16 27.75
CA SER A 521 -5.57 -0.96 28.36
C SER A 521 -6.56 -0.15 29.25
N ARG A 522 -6.07 0.40 30.35
CA ARG A 522 -6.91 1.31 31.11
C ARG A 522 -6.85 2.77 30.64
N ASN A 523 -6.01 3.07 29.64
CA ASN A 523 -6.07 4.37 28.98
C ASN A 523 -7.22 4.33 27.96
N PHE A 524 -8.19 5.24 28.08
CA PHE A 524 -9.37 5.23 27.24
C PHE A 524 -8.99 5.39 25.77
N ASN A 525 -8.03 6.27 25.46
CA ASN A 525 -7.76 6.55 24.05
C ASN A 525 -7.02 5.39 23.40
N VAL A 526 -6.03 4.85 24.11
CA VAL A 526 -5.32 3.68 23.65
C VAL A 526 -6.24 2.51 23.42
N ARG A 527 -7.07 2.21 24.40
CA ARG A 527 -8.03 1.12 24.29
C ARG A 527 -9.04 1.31 23.14
N SER A 528 -9.60 2.51 23.02
CA SER A 528 -10.58 2.80 21.96
C SER A 528 -10.02 2.59 20.57
N PHE A 529 -8.78 3.00 20.36
CA PHE A 529 -8.06 2.74 19.11
C PHE A 529 -7.98 1.24 18.81
N ALA A 530 -7.57 0.45 19.82
CA ALA A 530 -7.50 -1.00 19.65
C ALA A 530 -8.87 -1.56 19.28
N GLU A 531 -9.93 -1.06 19.89
CA GLU A 531 -11.28 -1.60 19.60
C GLU A 531 -11.69 -1.30 18.14
N ARG A 532 -11.35 -0.10 17.67
CA ARG A 532 -11.63 0.31 16.30
C ARG A 532 -10.83 -0.54 15.32
N MET A 533 -9.60 -0.87 15.67
CA MET A 533 -8.77 -1.75 14.84
C MET A 533 -9.32 -3.16 14.81
N ALA A 534 -9.91 -3.61 15.92
CA ALA A 534 -10.54 -4.89 15.95
C ALA A 534 -11.75 -4.92 14.99
N MET A 535 -12.47 -3.82 14.96
CA MET A 535 -13.67 -3.72 14.13
C MET A 535 -13.29 -3.63 12.63
N ASN A 536 -12.33 -2.80 12.35
CA ASN A 536 -11.98 -2.44 11.00
C ASN A 536 -11.02 -3.43 10.27
N THR A 537 -10.09 -4.03 10.99
CA THR A 537 -9.13 -4.91 10.35
C THR A 537 -9.76 -6.09 9.58
N PRO A 538 -10.76 -6.80 10.13
CA PRO A 538 -11.36 -7.82 9.34
C PRO A 538 -12.03 -7.29 8.04
N ILE A 539 -12.43 -6.01 8.03
CA ILE A 539 -13.07 -5.44 6.85
C ILE A 539 -11.99 -5.08 5.83
N GLN A 540 -11.10 -4.18 6.23
CA GLN A 540 -10.05 -3.72 5.36
C GLN A 540 -9.12 -4.86 4.94
N GLY A 541 -8.76 -5.72 5.87
CA GLY A 541 -7.86 -6.83 5.58
C GLY A 541 -8.48 -7.89 4.70
N SER A 542 -9.77 -8.16 4.87
CA SER A 542 -10.44 -9.12 3.96
C SER A 542 -10.54 -8.59 2.52
N ALA A 543 -10.80 -7.29 2.39
CA ALA A 543 -10.80 -6.62 1.12
C ALA A 543 -9.39 -6.71 0.46
N ALA A 544 -8.34 -6.55 1.26
CA ALA A 544 -7.00 -6.75 0.77
C ALA A 544 -6.79 -8.18 0.33
N ASP A 545 -7.22 -9.15 1.14
CA ASP A 545 -7.08 -10.57 0.78
C ASP A 545 -7.71 -10.86 -0.63
N ILE A 546 -8.93 -10.34 -0.83
CA ILE A 546 -9.69 -10.57 -2.03
C ILE A 546 -9.00 -10.02 -3.25
N ILE A 547 -8.56 -8.77 -3.18
CA ILE A 547 -7.92 -8.20 -4.36
C ILE A 547 -6.58 -8.87 -4.64
N LYS A 548 -5.88 -9.33 -3.60
CA LYS A 548 -4.64 -10.12 -3.81
C LYS A 548 -4.93 -11.42 -4.55
N LYS A 549 -5.98 -12.12 -4.12
CA LYS A 549 -6.40 -13.30 -4.81
C LYS A 549 -6.80 -13.01 -6.27
N ALA A 550 -7.51 -11.89 -6.50
CA ALA A 550 -7.93 -11.48 -7.83
C ALA A 550 -6.71 -11.31 -8.71
N MET A 551 -5.65 -10.75 -8.14
CA MET A 551 -4.41 -10.50 -8.91
C MET A 551 -3.76 -11.78 -9.38
N ILE A 552 -3.68 -12.74 -8.49
CA ILE A 552 -3.17 -14.05 -8.81
C ILE A 552 -4.00 -14.76 -9.89
N ASP A 553 -5.30 -14.74 -9.72
CA ASP A 553 -6.24 -15.32 -10.66
C ASP A 553 -6.14 -14.63 -12.00
N LEU A 554 -6.05 -13.30 -12.00
CA LEU A 554 -5.95 -12.58 -13.23
C LEU A 554 -4.67 -12.87 -14.03
N ASN A 555 -3.50 -12.89 -13.37
CA ASN A 555 -2.25 -13.23 -14.02
C ASN A 555 -2.33 -14.60 -14.69
N ALA A 556 -2.94 -15.58 -14.02
CA ALA A 556 -3.07 -16.92 -14.58
C ALA A 556 -4.00 -16.88 -15.82
N ARG A 557 -5.12 -16.19 -15.69
CA ARG A 557 -6.11 -16.08 -16.77
C ARG A 557 -5.56 -15.38 -18.01
N LEU A 558 -4.81 -14.30 -17.81
CA LEU A 558 -4.20 -13.59 -18.95
C LEU A 558 -3.28 -14.49 -19.77
N LYS A 559 -2.51 -15.33 -19.09
CA LYS A 559 -1.63 -16.29 -19.75
C LYS A 559 -2.41 -17.39 -20.45
N GLU A 560 -3.39 -17.98 -19.76
CA GLU A 560 -4.28 -18.97 -20.41
C GLU A 560 -4.93 -18.44 -21.69
N GLU A 561 -5.33 -17.17 -21.68
CA GLU A 561 -6.03 -16.54 -22.82
C GLU A 561 -5.09 -15.97 -23.89
N ARG A 562 -3.79 -16.10 -23.64
CA ARG A 562 -2.75 -15.67 -24.53
C ARG A 562 -2.84 -14.17 -24.84
N LEU A 563 -3.21 -13.37 -23.86
CA LEU A 563 -3.28 -11.92 -24.05
C LEU A 563 -1.91 -11.29 -23.74
N GLN A 564 -1.60 -10.19 -24.42
CA GLN A 564 -0.43 -9.40 -24.11
C GLN A 564 -0.65 -8.40 -22.97
N ALA A 565 -1.90 -8.22 -22.56
CA ALA A 565 -2.24 -7.33 -21.50
C ALA A 565 -1.35 -7.51 -20.28
N ARG A 566 -0.87 -6.42 -19.68
CA ARG A 566 -0.16 -6.62 -18.43
C ARG A 566 -0.59 -5.70 -17.28
N LEU A 567 -0.56 -6.31 -16.08
CA LEU A 567 -0.79 -5.63 -14.83
C LEU A 567 0.31 -4.63 -14.54
N LEU A 568 -0.07 -3.40 -14.22
CA LEU A 568 0.90 -2.36 -13.92
C LEU A 568 0.86 -1.90 -12.48
N LEU A 569 -0.35 -1.70 -11.92
CA LEU A 569 -0.52 -1.16 -10.60
C LEU A 569 -1.75 -1.71 -9.92
N GLN A 570 -1.68 -1.68 -8.59
CA GLN A 570 -2.81 -1.94 -7.73
C GLN A 570 -2.91 -0.72 -6.81
N VAL A 571 -4.13 -0.21 -6.63
CA VAL A 571 -4.42 0.92 -5.74
C VAL A 571 -5.59 0.55 -4.81
N HIS A 572 -5.34 -0.42 -3.93
CA HIS A 572 -6.25 -0.93 -2.91
C HIS A 572 -7.46 -1.66 -3.36
N ASP A 573 -8.31 -1.00 -4.13
CA ASP A 573 -9.49 -1.66 -4.65
C ASP A 573 -9.57 -1.61 -6.15
N GLU A 574 -8.50 -1.19 -6.80
CA GLU A 574 -8.47 -1.21 -8.25
C GLU A 574 -7.18 -1.74 -8.83
N LEU A 575 -7.32 -2.27 -10.05
CA LEU A 575 -6.23 -2.82 -10.81
C LEU A 575 -6.11 -2.06 -12.12
N ILE A 576 -4.87 -1.68 -12.45
CA ILE A 576 -4.56 -0.88 -13.65
CA ILE A 576 -4.57 -0.90 -13.66
C ILE A 576 -3.65 -1.73 -14.53
N LEU A 577 -4.05 -1.90 -15.78
CA LEU A 577 -3.36 -2.66 -16.80
C LEU A 577 -3.11 -1.80 -18.04
N GLU A 578 -2.18 -2.22 -18.91
CA GLU A 578 -2.08 -1.67 -20.27
C GLU A 578 -2.15 -2.87 -21.22
N ALA A 579 -2.71 -2.67 -22.41
CA ALA A 579 -2.88 -3.74 -23.37
C ALA A 579 -3.03 -3.14 -24.75
N PRO A 580 -2.75 -3.94 -25.82
CA PRO A 580 -3.04 -3.52 -27.18
C PRO A 580 -4.49 -3.08 -27.28
N LYS A 581 -4.74 -2.06 -28.07
CA LYS A 581 -6.12 -1.62 -28.27
C LYS A 581 -7.03 -2.77 -28.72
N GLU A 582 -6.50 -3.71 -29.50
CA GLU A 582 -7.29 -4.87 -29.96
C GLU A 582 -7.71 -5.83 -28.85
N GLU A 583 -7.20 -5.65 -27.62
CA GLU A 583 -7.58 -6.52 -26.53
C GLU A 583 -8.62 -5.92 -25.60
N MET A 584 -9.00 -4.65 -25.82
CA MET A 584 -9.90 -3.96 -24.85
C MET A 584 -11.23 -4.70 -24.70
N GLU A 585 -11.82 -5.16 -25.81
CA GLU A 585 -13.17 -5.73 -25.78
C GLU A 585 -13.15 -7.02 -24.94
N ARG A 586 -12.09 -7.81 -25.12
CA ARG A 586 -11.94 -9.03 -24.33
C ARG A 586 -11.67 -8.71 -22.87
N LEU A 587 -10.87 -7.73 -22.59
CA LEU A 587 -10.57 -7.35 -21.19
C LEU A 587 -11.78 -6.83 -20.46
N CYS A 588 -12.66 -6.11 -21.17
CA CYS A 588 -13.93 -5.63 -20.59
C CYS A 588 -14.77 -6.77 -20.01
N ARG A 589 -14.73 -7.93 -20.63
CA ARG A 589 -15.41 -9.10 -20.09
C ARG A 589 -14.56 -9.87 -19.10
N LEU A 590 -13.29 -10.06 -19.41
CA LEU A 590 -12.44 -10.92 -18.61
C LEU A 590 -12.09 -10.35 -17.25
N VAL A 591 -11.63 -9.10 -17.18
CA VAL A 591 -11.13 -8.56 -15.94
C VAL A 591 -12.18 -8.47 -14.83
N PRO A 592 -13.38 -7.90 -15.12
CA PRO A 592 -14.40 -7.80 -14.08
C PRO A 592 -14.82 -9.18 -13.59
N GLU A 593 -14.93 -10.15 -14.49
CA GLU A 593 -15.35 -11.49 -14.12
C GLU A 593 -14.36 -12.15 -13.18
N VAL A 594 -13.07 -12.06 -13.50
CA VAL A 594 -12.04 -12.59 -12.64
C VAL A 594 -12.06 -11.93 -11.25
N MET A 595 -12.15 -10.61 -11.20
CA MET A 595 -12.21 -9.91 -9.96
C MET A 595 -13.49 -10.25 -9.17
N GLU A 596 -14.59 -10.35 -9.88
CA GLU A 596 -15.86 -10.58 -9.23
C GLU A 596 -15.93 -11.99 -8.65
N GLN A 597 -15.26 -12.94 -9.27
CA GLN A 597 -15.34 -14.33 -8.86
C GLN A 597 -14.19 -14.78 -7.97
N ALA A 598 -13.33 -13.84 -7.57
CA ALA A 598 -12.14 -14.17 -6.77
C ALA A 598 -12.49 -14.91 -5.44
N VAL A 599 -13.58 -14.48 -4.80
CA VAL A 599 -14.19 -15.24 -3.68
C VAL A 599 -15.72 -15.23 -3.84
N THR A 600 -16.40 -16.09 -3.12
CA THR A 600 -17.83 -16.06 -3.08
C THR A 600 -18.26 -15.61 -1.71
N LEU A 601 -19.05 -14.56 -1.66
CA LEU A 601 -19.53 -13.97 -0.43
C LEU A 601 -21.04 -14.12 -0.42
N ARG A 602 -21.67 -13.76 0.67
CA ARG A 602 -23.14 -13.75 0.75
C ARG A 602 -23.79 -12.66 -0.08
N VAL A 603 -23.00 -11.71 -0.57
CA VAL A 603 -23.47 -10.68 -1.45
C VAL A 603 -22.61 -10.77 -2.71
N PRO A 604 -23.12 -10.27 -3.84
CA PRO A 604 -22.26 -10.18 -5.03
C PRO A 604 -21.13 -9.21 -4.83
N LEU A 605 -20.06 -9.41 -5.56
CA LEU A 605 -19.06 -8.41 -5.76
C LEU A 605 -19.34 -7.81 -7.13
N LYS A 606 -19.06 -6.52 -7.27
CA LYS A 606 -19.34 -5.73 -8.45
C LYS A 606 -18.07 -4.97 -8.82
N VAL A 607 -17.67 -5.07 -10.09
CA VAL A 607 -16.44 -4.39 -10.58
C VAL A 607 -16.81 -3.44 -11.73
N ASP A 608 -16.40 -2.18 -11.63
CA ASP A 608 -16.61 -1.23 -12.72
C ASP A 608 -15.29 -1.11 -13.50
N TYR A 609 -15.35 -0.70 -14.77
CA TYR A 609 -14.14 -0.62 -15.58
C TYR A 609 -14.22 0.44 -16.64
N HIS A 610 -13.04 0.88 -17.06
CA HIS A 610 -12.92 1.95 -18.02
C HIS A 610 -11.59 1.79 -18.71
N TYR A 611 -11.46 2.39 -19.88
CA TYR A 611 -10.18 2.39 -20.57
C TYR A 611 -10.04 3.64 -21.40
N GLY A 612 -8.80 4.00 -21.70
CA GLY A 612 -8.55 5.11 -22.57
C GLY A 612 -7.07 5.33 -22.81
N SER A 613 -6.71 6.48 -23.39
CA SER A 613 -5.33 6.72 -23.87
C SER A 613 -4.37 7.05 -22.76
N THR A 614 -4.89 7.48 -21.62
CA THR A 614 -4.07 7.82 -20.48
C THR A 614 -4.83 7.35 -19.24
N TRP A 615 -4.16 7.33 -18.08
CA TRP A 615 -4.83 6.90 -16.87
C TRP A 615 -6.00 7.83 -16.57
N TYR A 616 -5.84 9.11 -16.86
CA TYR A 616 -6.91 10.10 -16.68
C TYR A 616 -8.19 9.68 -17.39
N ASP A 617 -8.04 9.22 -18.64
CA ASP A 617 -9.18 8.86 -19.47
C ASP A 617 -9.70 7.54 -19.10
N ALA A 618 -8.96 6.74 -18.34
CA ALA A 618 -9.49 5.46 -17.96
C ALA A 618 -10.45 5.70 -16.81
N LYS A 619 -11.49 6.50 -17.10
CA LYS A 619 -12.47 7.02 -16.11
C LYS A 619 -13.87 7.04 -16.72
O1P FOX C 4 -3.22 4.44 13.11
P FOX C 4 -3.89 5.39 12.15
O2P FOX C 4 -3.74 6.88 12.33
O5' FOX C 4 -3.41 5.01 10.67
C5' FOX C 4 -2.28 4.16 10.51
C4' FOX C 4 -2.70 2.96 9.68
C6' FOX C 4 -4.19 3.03 9.43
C3' FOX C 4 -2.02 3.02 8.33
O3' FOX C 4 -1.42 1.76 8.05
C2' FOX C 4 -3.09 3.36 7.29
C1' FOX C 4 -4.38 3.65 8.03
N9 FOX C 4 -4.52 5.07 8.21
C4 FOX C 4 -4.49 5.90 7.15
N3 FOX C 4 -4.32 5.43 5.90
C2 FOX C 4 -4.28 6.27 4.82
N2 FOX C 4 -4.11 5.74 3.59
N1 FOX C 4 -4.42 7.60 4.94
C6 FOX C 4 -4.59 8.20 6.12
O6 FOX C 4 -4.72 9.44 6.20
C5 FOX C 4 -4.64 7.36 7.34
N7 FOX C 4 -4.82 7.90 8.56
C8 FOX C 4 -4.68 9.21 8.74
O8 FOX C 4 -4.89 9.70 9.84
S SO4 D . -20.21 8.66 -4.66
O1 SO4 D . -18.91 8.00 -4.36
O2 SO4 D . -20.44 9.67 -3.59
O3 SO4 D . -21.30 7.68 -4.59
O4 SO4 D . -20.19 9.33 -5.97
S SO4 E . -38.07 -1.63 0.82
O1 SO4 E . -36.62 -1.62 0.96
O2 SO4 E . -38.36 -0.46 0.00
O3 SO4 E . -38.58 -1.49 2.20
O4 SO4 E . -38.57 -2.96 0.39
S SO4 F . 19.27 -5.08 2.74
O1 SO4 F . 20.72 -5.00 3.08
O2 SO4 F . 18.74 -3.93 1.90
O3 SO4 F . 18.55 -5.05 4.06
O4 SO4 F . 19.09 -6.35 2.00
S SO4 G . -29.73 -8.66 11.06
O1 SO4 G . -28.97 -9.32 12.15
O2 SO4 G . -28.89 -7.57 10.55
O3 SO4 G . -31.02 -8.20 11.61
O4 SO4 G . -29.94 -9.61 9.96
S SO4 H . -4.38 -1.23 36.74
O1 SO4 H . -3.38 -2.14 36.15
O2 SO4 H . -3.75 -0.20 37.56
O3 SO4 H . -5.33 -2.05 37.53
O4 SO4 H . -5.12 -0.54 35.67
S SO4 I . -17.81 2.95 -5.56
O1 SO4 I . -17.00 2.05 -4.64
O2 SO4 I . -16.87 3.90 -6.20
O3 SO4 I . -18.84 3.66 -4.78
O4 SO4 I . -18.55 2.24 -6.62
MG MG J . -14.20 1.97 -6.06
#